data_6CUK
#
_entry.id   6CUK
#
_cell.length_a   60.038
_cell.length_b   60.038
_cell.length_c   77.300
_cell.angle_alpha   90.00
_cell.angle_beta   90.00
_cell.angle_gamma   120.00
#
_symmetry.space_group_name_H-M   'P 32 2 1'
#
loop_
_entity.id
_entity.type
_entity.pdbx_description
1 polymer 'Cytochrome c'
2 non-polymer 'HEME C'
3 water water
#
_entity_poly.entity_id   1
_entity_poly.type   'polypeptide(L)'
_entity_poly.pdbx_seq_one_letter_code
;HHHHHHQDPEALAAEIGPVKQVSLGEQIDAALAQQGEQLFNTYCTACHRLDERFIGPALRDVTKRRGPVYIMNTMLNPNG
MIQRHPVMKQLVQEYGTMDTDEALSEEQARAILEYLRQVAENQ
;
_entity_poly.pdbx_strand_id   A
#
loop_
_chem_comp.id
_chem_comp.type
_chem_comp.name
_chem_comp.formula
HEC non-polymer 'HEME C' 'C34 H34 Fe N4 O4'
#
# COMPACT_ATOMS: atom_id res chain seq x y z
N ASP A 8 10.38 -0.15 14.25
CA ASP A 8 11.40 0.35 13.29
C ASP A 8 10.78 0.76 11.93
N PRO A 9 10.46 -0.20 11.01
CA PRO A 9 10.01 0.32 9.72
C PRO A 9 8.69 1.13 9.76
N GLU A 10 7.79 0.82 10.69
CA GLU A 10 6.60 1.65 10.81
C GLU A 10 6.86 3.04 11.33
N ALA A 11 7.86 3.15 12.24
CA ALA A 11 8.19 4.47 12.73
C ALA A 11 8.77 5.34 11.66
N LEU A 12 9.66 4.81 10.83
N LEU A 12 9.66 4.77 10.83
CA LEU A 12 10.19 5.63 9.76
CA LEU A 12 10.25 5.52 9.72
C LEU A 12 9.08 5.96 8.77
C LEU A 12 9.17 5.88 8.67
N ALA A 13 8.21 4.98 8.45
CA ALA A 13 7.08 5.32 7.60
C ALA A 13 6.23 6.49 8.15
N ALA A 14 5.98 6.46 9.45
CA ALA A 14 5.21 7.58 10.08
C ALA A 14 5.93 8.90 9.96
N GLU A 15 7.21 8.89 10.24
CA GLU A 15 7.97 10.15 10.16
C GLU A 15 7.91 10.75 8.72
N ILE A 16 7.96 9.87 7.72
CA ILE A 16 7.84 10.32 6.34
C ILE A 16 6.46 10.89 6.04
N GLY A 17 5.43 10.22 6.51
CA GLY A 17 4.09 10.70 6.48
C GLY A 17 3.46 10.56 5.12
N PRO A 18 2.20 11.01 4.96
CA PRO A 18 1.47 11.86 5.95
C PRO A 18 0.81 11.09 7.05
N VAL A 19 0.50 9.82 6.83
CA VAL A 19 -0.17 9.05 7.86
C VAL A 19 0.85 8.72 8.96
N LYS A 20 0.38 8.83 10.21
CA LYS A 20 1.20 8.57 11.37
C LYS A 20 0.87 7.34 12.14
N GLN A 21 -0.40 6.99 12.17
CA GLN A 21 -0.89 5.89 12.99
C GLN A 21 -2.12 5.34 12.29
N VAL A 22 -2.28 4.01 12.28
CA VAL A 22 -3.51 3.34 11.89
C VAL A 22 -3.82 2.24 12.88
N SER A 23 -4.86 2.43 13.69
CA SER A 23 -5.25 1.40 14.64
C SER A 23 -6.24 0.49 13.95
N LEU A 24 -5.88 -0.78 13.82
CA LEU A 24 -6.68 -1.71 13.07
C LEU A 24 -7.47 -2.56 14.04
N GLY A 25 -8.78 -2.58 13.79
CA GLY A 25 -9.68 -3.40 14.57
C GLY A 25 -9.59 -4.81 14.08
N GLU A 26 -9.91 -5.73 14.97
CA GLU A 26 -9.68 -7.16 14.77
C GLU A 26 -10.45 -7.71 13.60
N GLN A 27 -11.63 -7.17 13.32
CA GLN A 27 -12.47 -7.66 12.24
C GLN A 27 -12.09 -6.92 10.94
N ILE A 28 -12.30 -7.57 9.83
CA ILE A 28 -12.31 -6.88 8.52
C ILE A 28 -13.68 -6.25 8.31
N ASP A 29 -13.70 -4.99 7.87
CA ASP A 29 -14.94 -4.30 7.51
C ASP A 29 -15.23 -4.63 6.05
N ALA A 30 -16.12 -5.58 5.84
CA ALA A 30 -16.30 -6.10 4.47
C ALA A 30 -16.78 -5.04 3.48
N ALA A 31 -17.62 -4.08 3.89
CA ALA A 31 -18.09 -3.06 2.97
C ALA A 31 -16.97 -2.13 2.57
N LEU A 32 -16.12 -1.81 3.53
CA LEU A 32 -14.95 -0.96 3.24
C LEU A 32 -14.05 -1.71 2.30
N ALA A 33 -13.76 -2.98 2.60
CA ALA A 33 -12.92 -3.81 1.71
C ALA A 33 -13.45 -3.88 0.27
N GLN A 34 -14.76 -3.94 0.12
N GLN A 34 -14.77 -3.96 0.13
CA GLN A 34 -15.35 -4.03 -1.21
CA GLN A 34 -15.41 -4.02 -1.18
C GLN A 34 -15.10 -2.76 -2.00
C GLN A 34 -15.10 -2.77 -1.99
N GLN A 35 -15.17 -1.60 -1.35
CA GLN A 35 -14.78 -0.36 -2.02
C GLN A 35 -13.30 -0.38 -2.38
N GLY A 36 -12.48 -0.92 -1.48
CA GLY A 36 -11.07 -1.10 -1.76
C GLY A 36 -10.79 -2.03 -2.90
N GLU A 37 -11.55 -3.09 -3.05
CA GLU A 37 -11.39 -4.02 -4.20
C GLU A 37 -11.59 -3.29 -5.51
N GLN A 38 -12.67 -2.50 -5.57
CA GLN A 38 -12.96 -1.74 -6.78
C GLN A 38 -11.86 -0.74 -7.09
N LEU A 39 -11.35 -0.03 -6.07
CA LEU A 39 -10.28 0.92 -6.23
C LEU A 39 -8.98 0.19 -6.67
N PHE A 40 -8.67 -0.93 -6.03
CA PHE A 40 -7.44 -1.69 -6.36
C PHE A 40 -7.45 -2.09 -7.84
N ASN A 41 -8.61 -2.55 -8.30
N ASN A 41 -8.62 -2.56 -8.29
CA ASN A 41 -8.77 -2.99 -9.68
CA ASN A 41 -8.82 -2.97 -9.68
C ASN A 41 -8.86 -1.81 -10.69
C ASN A 41 -8.87 -1.81 -10.69
N THR A 42 -8.99 -0.59 -10.22
CA THR A 42 -8.94 0.63 -11.05
C THR A 42 -7.55 1.21 -11.14
N TYR A 43 -6.86 1.27 -10.02
CA TYR A 43 -5.61 2.02 -9.87
C TYR A 43 -4.38 1.11 -9.77
N CYS A 44 -4.43 0.07 -9.00
CA CYS A 44 -3.23 -0.67 -8.67
C CYS A 44 -2.88 -1.81 -9.62
N THR A 45 -3.88 -2.38 -10.28
CA THR A 45 -3.62 -3.51 -11.21
C THR A 45 -3.01 -3.03 -12.52
N ALA A 46 -2.82 -1.74 -12.71
CA ALA A 46 -1.88 -1.30 -13.77
C ALA A 46 -0.52 -1.89 -13.58
N CYS A 47 -0.11 -2.16 -12.34
CA CYS A 47 1.25 -2.61 -12.05
C CYS A 47 1.39 -3.80 -11.14
N HIS A 48 0.35 -4.11 -10.39
CA HIS A 48 0.44 -5.17 -9.39
C HIS A 48 -0.58 -6.30 -9.60
N ARG A 49 -0.23 -7.48 -9.11
CA ARG A 49 -1.13 -8.58 -8.98
C ARG A 49 -1.08 -9.03 -7.53
N LEU A 50 -2.00 -9.86 -7.13
CA LEU A 50 -1.99 -10.44 -5.79
C LEU A 50 -0.89 -11.48 -5.58
N ASP A 51 -0.75 -12.39 -6.57
CA ASP A 51 0.07 -13.59 -6.37
C ASP A 51 1.30 -13.61 -7.29
N GLU A 52 1.30 -12.87 -8.37
CA GLU A 52 2.43 -12.85 -9.31
C GLU A 52 3.20 -11.53 -9.26
N ARG A 53 4.51 -11.54 -9.53
N ARG A 53 4.50 -11.54 -9.57
CA ARG A 53 5.23 -10.29 -9.87
CA ARG A 53 5.26 -10.33 -9.87
C ARG A 53 4.62 -9.72 -11.16
C ARG A 53 4.85 -9.73 -11.24
N PHE A 54 4.71 -8.41 -11.32
CA PHE A 54 4.27 -7.75 -12.56
C PHE A 54 5.18 -6.56 -12.73
N ILE A 55 4.70 -5.33 -12.81
CA ILE A 55 5.55 -4.20 -12.89
C ILE A 55 6.12 -3.95 -11.49
N GLY A 56 5.28 -4.11 -10.45
CA GLY A 56 5.72 -4.07 -9.08
C GLY A 56 5.55 -5.41 -8.35
N PRO A 57 5.96 -5.51 -7.08
CA PRO A 57 5.85 -6.77 -6.34
C PRO A 57 4.42 -7.24 -6.16
N ALA A 58 4.23 -8.55 -6.00
CA ALA A 58 2.96 -9.13 -5.61
C ALA A 58 2.52 -8.61 -4.25
N LEU A 59 1.21 -8.45 -4.04
CA LEU A 59 0.71 -7.79 -2.84
C LEU A 59 -0.22 -8.58 -1.96
N ARG A 60 -0.57 -9.83 -2.29
CA ARG A 60 -1.53 -10.52 -1.44
C ARG A 60 -1.12 -10.50 0.04
N ASP A 61 0.17 -10.70 0.33
CA ASP A 61 0.63 -10.80 1.70
C ASP A 61 1.38 -9.61 2.16
N VAL A 62 1.17 -8.45 1.53
CA VAL A 62 1.87 -7.26 1.91
C VAL A 62 1.52 -6.89 3.36
N THR A 63 0.30 -7.13 3.83
CA THR A 63 -0.05 -6.78 5.20
C THR A 63 0.52 -7.79 6.22
N LYS A 64 1.10 -8.90 5.76
CA LYS A 64 1.80 -9.79 6.65
C LYS A 64 3.25 -9.35 6.81
N ARG A 65 3.90 -8.86 5.77
CA ARG A 65 5.28 -8.43 5.87
C ARG A 65 5.48 -6.97 6.21
N ARG A 66 4.47 -6.11 5.94
CA ARG A 66 4.51 -4.67 6.28
C ARG A 66 3.36 -4.30 7.21
N GLY A 67 3.49 -3.13 7.80
CA GLY A 67 2.42 -2.55 8.60
C GLY A 67 1.63 -1.53 7.84
N PRO A 68 0.57 -1.04 8.47
CA PRO A 68 -0.40 -0.18 7.79
C PRO A 68 0.10 1.19 7.47
N VAL A 69 0.98 1.75 8.28
CA VAL A 69 1.47 3.13 8.01
C VAL A 69 2.38 3.14 6.76
N TYR A 70 3.22 2.14 6.67
CA TYR A 70 4.01 1.95 5.46
C TYR A 70 3.14 1.78 4.23
N ILE A 71 2.13 0.94 4.29
CA ILE A 71 1.27 0.71 3.13
C ILE A 71 0.53 2.00 2.80
N MET A 72 -0.06 2.66 3.77
CA MET A 72 -0.79 3.90 3.47
C MET A 72 0.12 4.95 2.86
N ASN A 73 1.33 5.15 3.40
CA ASN A 73 2.18 6.19 2.88
C ASN A 73 2.81 5.84 1.53
N THR A 74 2.90 4.54 1.22
CA THR A 74 3.27 4.13 -0.16
C THR A 74 2.23 4.65 -1.14
N MET A 75 0.95 4.57 -0.77
CA MET A 75 -0.10 5.10 -1.64
C MET A 75 -0.21 6.62 -1.69
N LEU A 76 -0.01 7.24 -0.54
CA LEU A 76 -0.26 8.65 -0.38
C LEU A 76 0.98 9.55 -0.59
N ASN A 77 2.16 8.99 -0.40
CA ASN A 77 3.42 9.73 -0.58
C ASN A 77 4.46 8.77 -1.16
N PRO A 78 4.21 8.27 -2.37
CA PRO A 78 5.19 7.31 -2.91
C PRO A 78 6.59 7.91 -3.08
N ASN A 79 6.66 9.19 -3.42
CA ASN A 79 7.97 9.82 -3.66
C ASN A 79 8.74 9.90 -2.38
N GLY A 80 8.10 10.33 -1.31
CA GLY A 80 8.72 10.39 0.01
C GLY A 80 9.19 9.02 0.45
N MET A 81 8.39 7.99 0.22
CA MET A 81 8.80 6.63 0.59
C MET A 81 9.98 6.13 -0.22
N ILE A 82 9.94 6.33 -1.54
CA ILE A 82 11.03 5.97 -2.43
C ILE A 82 12.34 6.69 -2.05
N GLN A 83 12.24 7.97 -1.68
N GLN A 83 12.26 7.95 -1.67
CA GLN A 83 13.44 8.75 -1.35
CA GLN A 83 13.49 8.69 -1.40
C GLN A 83 14.04 8.38 0.00
C GLN A 83 14.04 8.45 0.02
N ARG A 84 13.19 8.07 0.98
CA ARG A 84 13.59 7.97 2.40
C ARG A 84 13.41 6.66 3.15
N HIS A 85 12.57 5.74 2.70
CA HIS A 85 12.28 4.55 3.46
C HIS A 85 13.17 3.40 2.96
N PRO A 86 14.02 2.81 3.83
CA PRO A 86 14.98 1.83 3.32
C PRO A 86 14.40 0.62 2.62
N VAL A 87 13.19 0.18 3.02
CA VAL A 87 12.58 -0.99 2.40
C VAL A 87 12.17 -0.60 1.01
N MET A 88 11.57 0.59 0.86
CA MET A 88 11.15 1.04 -0.45
C MET A 88 12.34 1.36 -1.37
N LYS A 89 13.35 2.05 -0.84
CA LYS A 89 14.55 2.37 -1.63
C LYS A 89 15.16 1.13 -2.24
N GLN A 90 15.23 0.06 -1.47
CA GLN A 90 15.72 -1.18 -2.02
C GLN A 90 14.81 -1.75 -3.11
N LEU A 91 13.48 -1.73 -2.90
CA LEU A 91 12.62 -2.20 -3.95
C LEU A 91 12.76 -1.40 -5.24
N VAL A 92 13.08 -0.11 -5.15
CA VAL A 92 13.30 0.72 -6.34
C VAL A 92 14.53 0.29 -7.15
N GLN A 93 15.57 -0.08 -6.46
CA GLN A 93 16.79 -0.58 -7.12
C GLN A 93 16.47 -1.86 -7.91
N GLU A 94 15.54 -2.66 -7.40
CA GLU A 94 15.08 -3.89 -8.06
C GLU A 94 14.07 -3.72 -9.18
N TYR A 95 13.03 -2.91 -8.95
CA TYR A 95 11.91 -2.81 -9.88
C TYR A 95 11.93 -1.59 -10.78
N GLY A 96 12.73 -0.57 -10.47
CA GLY A 96 12.88 0.61 -11.33
C GLY A 96 12.08 1.82 -10.88
N THR A 97 12.30 2.93 -11.58
CA THR A 97 11.73 4.24 -11.26
C THR A 97 10.67 4.61 -12.27
N MET A 98 9.46 4.85 -11.79
CA MET A 98 8.32 5.19 -12.63
C MET A 98 7.35 6.01 -11.81
N ASP A 99 6.40 6.65 -12.46
CA ASP A 99 5.37 7.43 -11.76
C ASP A 99 4.31 6.46 -11.21
N THR A 100 4.31 6.28 -9.88
CA THR A 100 3.36 5.36 -9.25
C THR A 100 2.22 6.10 -8.54
N ASP A 101 2.25 7.43 -8.54
CA ASP A 101 1.31 8.24 -7.78
C ASP A 101 -0.01 8.28 -8.50
N GLU A 102 -1.05 7.81 -7.82
N GLU A 102 -1.10 7.84 -7.88
CA GLU A 102 -2.41 7.72 -8.32
CA GLU A 102 -2.42 7.97 -8.54
C GLU A 102 -3.29 8.88 -7.80
C GLU A 102 -3.31 8.98 -7.87
N ALA A 103 -2.71 9.85 -7.08
CA ALA A 103 -3.44 11.01 -6.51
C ALA A 103 -4.66 10.58 -5.66
N LEU A 104 -4.47 9.55 -4.85
CA LEU A 104 -5.56 9.03 -4.06
C LEU A 104 -5.81 9.90 -2.88
N SER A 105 -7.04 9.91 -2.41
CA SER A 105 -7.32 10.47 -1.08
C SER A 105 -6.96 9.49 0.01
N GLU A 106 -6.83 9.99 1.25
N GLU A 106 -6.82 9.99 1.24
CA GLU A 106 -6.66 9.08 2.38
CA GLU A 106 -6.65 9.11 2.38
C GLU A 106 -7.82 8.10 2.51
C GLU A 106 -7.81 8.11 2.52
N GLU A 107 -9.04 8.57 2.24
CA GLU A 107 -10.20 7.69 2.31
C GLU A 107 -10.01 6.47 1.36
N GLN A 108 -9.65 6.79 0.13
CA GLN A 108 -9.42 5.74 -0.88
C GLN A 108 -8.32 4.82 -0.46
N ALA A 109 -7.20 5.36 0.02
CA ALA A 109 -6.12 4.53 0.47
C ALA A 109 -6.50 3.62 1.62
N ARG A 110 -7.30 4.15 2.55
CA ARG A 110 -7.78 3.35 3.69
C ARG A 110 -8.62 2.17 3.20
N ALA A 111 -9.49 2.43 2.22
CA ALA A 111 -10.31 1.37 1.65
C ALA A 111 -9.45 0.27 1.01
N ILE A 112 -8.48 0.71 0.22
CA ILE A 112 -7.53 -0.24 -0.38
C ILE A 112 -6.77 -1.06 0.66
N LEU A 113 -6.38 -0.41 1.77
CA LEU A 113 -5.70 -1.15 2.83
C LEU A 113 -6.63 -2.23 3.35
N GLU A 114 -7.93 -1.91 3.55
CA GLU A 114 -8.86 -2.91 4.05
C GLU A 114 -8.97 -4.14 3.10
N TYR A 115 -9.00 -3.83 1.79
CA TYR A 115 -8.96 -4.91 0.83
C TYR A 115 -7.71 -5.75 0.94
N LEU A 116 -6.56 -5.08 1.04
CA LEU A 116 -5.29 -5.82 1.22
C LEU A 116 -5.31 -6.69 2.46
N ARG A 117 -5.92 -6.21 3.55
CA ARG A 117 -6.06 -7.03 4.73
C ARG A 117 -6.96 -8.26 4.51
N GLN A 118 -8.03 -8.03 3.76
CA GLN A 118 -8.95 -9.11 3.47
C GLN A 118 -8.34 -10.25 2.61
N VAL A 119 -7.59 -9.84 1.58
CA VAL A 119 -7.03 -10.88 0.66
C VAL A 119 -5.95 -11.69 1.32
N ALA A 120 -5.31 -11.12 2.32
CA ALA A 120 -4.33 -11.89 3.10
C ALA A 120 -4.96 -13.02 3.92
N GLU A 121 -6.25 -12.93 4.21
CA GLU A 121 -7.01 -14.01 4.86
C GLU A 121 -7.70 -14.95 3.87
N ASN A 122 -7.36 -14.88 2.58
CA ASN A 122 -7.89 -15.78 1.53
C ASN A 122 -6.78 -16.69 0.95
FE HEC B . 2.82 -0.05 -6.11
CHA HEC B . 5.68 -1.08 -4.54
CHB HEC B . 1.05 -0.65 -3.28
CHC HEC B . 0.08 1.40 -7.52
CHD HEC B . 4.46 0.08 -9.11
NA HEC B . 3.30 -0.71 -4.27
C1A HEC B . 4.53 -1.12 -3.78
C2A HEC B . 4.41 -1.51 -2.40
C3A HEC B . 3.10 -1.36 -2.06
C4A HEC B . 2.40 -0.89 -3.23
CMA HEC B . 2.44 -1.62 -0.70
CAA HEC B . 5.59 -2.00 -1.51
CBA HEC B . 5.52 -3.54 -1.48
CGA HEC B . 6.40 -4.18 -0.42
O1A HEC B . 6.56 -5.43 -0.44
O2A HEC B . 6.85 -3.47 0.51
NB HEC B . 0.96 0.32 -5.52
C1B HEC B . 0.38 -0.13 -4.34
C2B HEC B . -1.03 0.12 -4.39
C3B HEC B . -1.34 0.70 -5.56
C4B HEC B . -0.09 0.83 -6.29
CMB HEC B . -1.99 -0.26 -3.27
CAB HEC B . -2.73 1.13 -6.06
CBB HEC B . -3.20 2.35 -5.21
NC HEC B . 2.36 0.63 -7.95
C1C HEC B . 1.18 1.23 -8.33
C2C HEC B . 1.23 1.52 -9.76
C3C HEC B . 2.46 1.13 -10.20
C4C HEC B . 3.18 0.60 -9.10
CMC HEC B . 0.11 2.12 -10.58
CAC HEC B . 2.98 1.13 -11.70
CBC HEC B . 3.02 2.51 -12.30
ND HEC B . 4.72 -0.42 -6.71
C1D HEC B . 5.19 -0.28 -8.02
C2D HEC B . 6.59 -0.54 -7.96
C3D HEC B . 6.93 -0.86 -6.71
C4D HEC B . 5.75 -0.79 -5.88
CMD HEC B . 7.48 -0.50 -9.22
CAD HEC B . 8.32 -1.23 -6.16
CBD HEC B . 9.04 0.07 -5.79
CGD HEC B . 9.46 0.87 -6.99
O1D HEC B . 10.27 0.32 -7.82
O2D HEC B . 9.01 2.03 -7.16
#